data_7M60
#
_entry.id   7M60
#
_cell.length_a   78.440
_cell.length_b   90.049
_cell.length_c   99.601
_cell.angle_alpha   90.000
_cell.angle_beta   90.000
_cell.angle_gamma   90.000
#
_symmetry.space_group_name_H-M   'P 21 21 21'
#
loop_
_entity.id
_entity.type
_entity.pdbx_description
1 polymer 'DNA mismatch repair protein Mlh1 NLS peptide'
2 polymer 'Importin subunit alpha-1'
3 water water
#
loop_
_entity_poly.entity_id
_entity_poly.type
_entity_poly.pdbx_seq_one_letter_code
_entity_poly.pdbx_strand_id
1 'polypeptide(L)' SANPRKRHRED C,B
2 'polypeptide(L)'
;NQGTVNWSVEDIVKGINSNNLESQLQATQAARKLLSREKQPPIDNIIRAGLIPKFVSFLGKTDCSPIQFESAWALTNIAS
GTSEQTKAVVDGGAIPAFISLLASPHAHISEQAVWALGNIAGDGSAFRDLVIKHGAIDPLLALLAVPDLSTLACGYLRNL
TWTLSNLCRNKNPAPPLDAVEQILPTLVRLLHHNDPEVLADSCWAISYLTDGPNERIEMVVKKGVVPQLVKLLGATELPI
VTPALRAIGNIVTGTDEQTQKVIDAGALAVFPSLLTNPKTNIQKEATWTMSNITAGRQDQIQQVVNHGLVPFLVGVLSKA
DFKTQKEAAWAITNYTSGGTVEQIVYLVHCGIIEPLMNLLSAKDTKIIQVILDAISNIFQAAEKLGETEKLSIMIEECGG
LDKIEALQRHENESVYKASLNLIEKYFSVEEEEDQNVVPETTSEGFAFQVQDGAPGTFNF
;
A
#
# COMPACT_ATOMS: atom_id res chain seq x y z
N ALA A 2 -20.87 3.32 -4.35
CA ALA A 2 -21.97 2.41 -4.67
C ALA A 2 -22.46 1.68 -3.42
N ASN A 3 -21.55 1.00 -2.72
CA ASN A 3 -21.90 0.28 -1.51
C ASN A 3 -21.48 1.10 -0.30
N PRO A 4 -22.41 1.65 0.47
CA PRO A 4 -22.03 2.49 1.61
C PRO A 4 -21.49 1.72 2.80
N ARG A 5 -21.68 0.40 2.84
CA ARG A 5 -21.19 -0.40 3.95
C ARG A 5 -19.68 -0.62 3.90
N LYS A 6 -19.06 -0.39 2.75
CA LYS A 6 -17.61 -0.58 2.62
C LYS A 6 -16.87 0.43 3.47
N ARG A 7 -15.77 0.00 4.06
CA ARG A 7 -14.94 0.84 4.91
C ARG A 7 -13.56 0.96 4.29
N HIS A 8 -13.04 2.19 4.26
CA HIS A 8 -11.65 2.36 3.88
C HIS A 8 -10.74 2.01 5.05
N ARG A 9 -9.44 2.03 4.80
CA ARG A 9 -8.46 1.57 5.78
C ARG A 9 -8.43 2.48 7.00
N GLU A 10 -8.28 1.89 8.17
CA GLU A 10 -8.19 2.65 9.42
C GLU A 10 -6.93 2.28 10.18
N ALA B 2 10.09 -1.18 3.50
CA ALA B 2 9.69 -2.14 2.48
C ALA B 2 9.44 -1.45 1.15
N ASN B 3 8.64 -0.38 1.19
CA ASN B 3 8.36 0.45 0.00
C ASN B 3 8.76 1.90 0.28
N PRO B 4 10.06 2.17 0.41
CA PRO B 4 10.47 3.54 0.73
C PRO B 4 10.19 4.50 -0.41
N ARG B 5 9.83 5.73 -0.05
CA ARG B 5 9.56 6.75 -1.05
C ARG B 5 10.83 7.16 -1.79
N LYS B 6 11.96 7.15 -1.10
CA LYS B 6 13.23 7.56 -1.69
C LYS B 6 14.29 6.52 -1.36
N ARG B 7 15.29 6.41 -2.24
CA ARG B 7 16.36 5.42 -2.09
C ARG B 7 17.72 6.08 -2.27
N HIS B 8 18.59 5.86 -1.29
CA HIS B 8 19.97 6.32 -1.32
C HIS B 8 20.86 5.26 -1.95
N ARG B 9 21.87 5.69 -2.71
CA ARG B 9 22.77 4.75 -3.39
C ARG B 9 24.12 4.74 -2.68
N GLU B 10 24.37 3.68 -1.91
CA GLU B 10 25.70 3.42 -1.37
C GLU B 10 26.59 2.76 -2.41
N ASP B 11 26.05 1.78 -3.13
CA ASP B 11 26.81 0.88 -4.01
C ASP B 11 28.18 0.50 -3.43
N GLY C 3 42.82 8.74 -3.70
CA GLY C 3 42.42 9.37 -4.94
C GLY C 3 41.32 10.39 -4.77
N THR C 4 40.07 9.90 -4.74
CA THR C 4 38.91 10.75 -4.51
C THR C 4 38.18 10.37 -3.23
N VAL C 5 38.87 9.71 -2.30
CA VAL C 5 38.28 9.29 -1.04
C VAL C 5 38.57 10.34 0.02
N ASN C 6 37.53 10.74 0.77
CA ASN C 6 37.67 11.58 1.96
C ASN C 6 38.13 13.00 1.61
N TRP C 7 37.62 13.56 0.52
CA TRP C 7 37.84 14.96 0.20
C TRP C 7 37.03 15.85 1.14
N SER C 8 37.62 16.97 1.53
CA SER C 8 36.84 18.02 2.16
C SER C 8 35.92 18.66 1.12
N VAL C 9 34.84 19.27 1.61
CA VAL C 9 33.95 20.00 0.71
C VAL C 9 34.69 21.16 0.05
N GLU C 10 35.58 21.82 0.80
CA GLU C 10 36.34 22.93 0.25
C GLU C 10 37.18 22.49 -0.94
N ASP C 11 37.76 21.29 -0.87
CA ASP C 11 38.53 20.77 -2.01
C ASP C 11 37.62 20.44 -3.18
N ILE C 12 36.45 19.87 -2.91
CA ILE C 12 35.49 19.57 -3.97
C ILE C 12 35.11 20.84 -4.72
N VAL C 13 34.84 21.91 -3.98
CA VAL C 13 34.48 23.18 -4.61
C VAL C 13 35.64 23.71 -5.44
N LYS C 14 36.86 23.62 -4.90
CA LYS C 14 38.04 24.06 -5.63
C LYS C 14 38.17 23.35 -6.97
N GLY C 15 37.94 22.03 -6.98
CA GLY C 15 38.10 21.28 -8.22
C GLY C 15 36.98 21.53 -9.21
N ILE C 16 35.75 21.66 -8.72
CA ILE C 16 34.62 21.89 -9.61
C ILE C 16 34.68 23.31 -10.17
N ASN C 17 35.26 24.25 -9.42
CA ASN C 17 35.37 25.63 -9.87
C ASN C 17 36.57 25.88 -10.77
N SER C 18 37.50 24.93 -10.88
CA SER C 18 38.51 25.06 -11.92
C SER C 18 37.85 24.97 -13.29
N ASN C 19 38.56 25.47 -14.31
CA ASN C 19 38.07 25.40 -15.68
C ASN C 19 38.71 24.24 -16.44
N ASN C 20 38.87 23.13 -15.72
CA ASN C 20 39.52 21.91 -16.21
C ASN C 20 38.53 20.77 -16.05
N LEU C 21 38.00 20.26 -17.17
CA LEU C 21 36.98 19.22 -17.11
C LEU C 21 37.44 18.00 -16.31
N GLU C 22 38.69 17.59 -16.50
CA GLU C 22 39.21 16.45 -15.75
C GLU C 22 39.33 16.76 -14.27
N SER C 23 39.73 18.00 -13.93
CA SER C 23 39.71 18.40 -12.53
C SER C 23 38.29 18.36 -11.98
N GLN C 24 37.31 18.78 -12.78
CA GLN C 24 35.93 18.77 -12.32
C GLN C 24 35.41 17.34 -12.19
N LEU C 25 35.85 16.45 -13.08
CA LEU C 25 35.43 15.05 -12.99
C LEU C 25 35.89 14.44 -11.67
N GLN C 26 37.16 14.63 -11.33
CA GLN C 26 37.69 14.04 -10.10
C GLN C 26 37.00 14.62 -8.87
N ALA C 27 36.79 15.94 -8.85
CA ALA C 27 36.10 16.56 -7.73
C ALA C 27 34.66 16.08 -7.63
N THR C 28 33.98 15.92 -8.77
CA THR C 28 32.61 15.43 -8.76
C THR C 28 32.54 14.01 -8.22
N GLN C 29 33.45 13.13 -8.66
CA GLN C 29 33.48 11.76 -8.13
C GLN C 29 33.70 11.78 -6.62
N ALA C 30 34.61 12.63 -6.15
CA ALA C 30 34.85 12.75 -4.72
C ALA C 30 33.59 13.19 -3.99
N ALA C 31 32.83 14.11 -4.59
CA ALA C 31 31.55 14.50 -4.02
C ALA C 31 30.59 13.31 -3.99
N ARG C 32 30.56 12.53 -5.06
CA ARG C 32 29.73 11.33 -5.09
C ARG C 32 30.07 10.38 -3.96
N LYS C 33 31.37 10.20 -3.69
CA LYS C 33 31.79 9.28 -2.65
C LYS C 33 31.42 9.78 -1.26
N LEU C 34 31.59 11.09 -1.02
CA LEU C 34 31.10 11.69 0.21
C LEU C 34 29.61 11.41 0.40
N LEU C 35 28.82 11.65 -0.66
CA LEU C 35 27.38 11.51 -0.56
C LEU C 35 26.93 10.05 -0.50
N SER C 36 27.82 9.11 -0.78
CA SER C 36 27.46 7.70 -0.82
C SER C 36 27.60 7.00 0.52
N ARG C 37 28.21 7.63 1.51
CA ARG C 37 28.41 6.97 2.79
C ARG C 37 27.10 6.87 3.56
N GLU C 38 26.99 5.84 4.39
CA GLU C 38 25.74 5.54 5.07
C GLU C 38 25.50 6.50 6.25
N LYS C 39 26.53 6.81 7.01
CA LYS C 39 26.40 7.63 8.22
C LYS C 39 26.49 9.10 7.83
N GLN C 40 25.35 9.80 7.90
CA GLN C 40 25.33 11.25 7.88
C GLN C 40 26.06 11.90 6.70
N PRO C 41 25.66 11.60 5.46
CA PRO C 41 26.32 12.22 4.31
C PRO C 41 26.12 13.73 4.33
N PRO C 42 27.15 14.50 4.01
CA PRO C 42 27.07 15.95 4.16
C PRO C 42 26.23 16.60 3.08
N ILE C 43 24.95 16.21 3.01
CA ILE C 43 24.07 16.71 1.97
C ILE C 43 23.91 18.23 2.06
N ASP C 44 23.64 18.73 3.26
CA ASP C 44 23.43 20.17 3.43
C ASP C 44 24.71 20.95 3.16
N ASN C 45 25.86 20.42 3.57
CA ASN C 45 27.13 21.09 3.27
C ASN C 45 27.36 21.18 1.77
N ILE C 46 27.00 20.12 1.03
CA ILE C 46 27.14 20.15 -0.43
C ILE C 46 26.17 21.16 -1.04
N ILE C 47 24.92 21.18 -0.57
CA ILE C 47 23.95 22.16 -1.04
C ILE C 47 24.43 23.56 -0.75
N ARG C 48 24.93 23.79 0.47
CA ARG C 48 25.33 25.14 0.89
C ARG C 48 26.50 25.66 0.07
N ALA C 49 27.37 24.77 -0.41
CA ALA C 49 28.50 25.22 -1.22
C ALA C 49 28.11 25.58 -2.64
N GLY C 50 26.83 25.55 -2.98
CA GLY C 50 26.39 25.94 -4.31
C GLY C 50 26.72 24.96 -5.41
N LEU C 51 26.79 23.67 -5.08
CA LEU C 51 27.29 22.68 -6.03
C LEU C 51 26.21 22.10 -6.94
N ILE C 52 24.94 22.31 -6.64
CA ILE C 52 23.85 21.69 -7.41
C ILE C 52 23.79 22.26 -8.82
N PRO C 53 23.83 23.59 -9.04
CA PRO C 53 23.88 24.08 -10.41
C PRO C 53 25.02 23.50 -11.24
N LYS C 54 26.18 23.26 -10.62
CA LYS C 54 27.30 22.68 -11.35
C LYS C 54 27.03 21.22 -11.69
N PHE C 55 26.52 20.45 -10.73
CA PHE C 55 26.18 19.06 -10.99
C PHE C 55 25.18 18.94 -12.13
N VAL C 56 24.09 19.73 -12.07
CA VAL C 56 23.09 19.73 -13.13
C VAL C 56 23.73 20.07 -14.47
N SER C 57 24.60 21.07 -14.49
CA SER C 57 25.32 21.43 -15.73
C SER C 57 26.15 20.26 -16.23
N PHE C 58 26.74 19.48 -15.32
CA PHE C 58 27.55 18.35 -15.75
C PHE C 58 26.70 17.25 -16.36
N LEU C 59 25.40 17.21 -16.02
CA LEU C 59 24.51 16.20 -16.60
C LEU C 59 24.46 16.31 -18.12
N GLY C 60 24.69 17.51 -18.66
CA GLY C 60 24.59 17.74 -20.08
C GLY C 60 25.87 17.55 -20.85
N LYS C 61 26.96 17.14 -20.20
CA LYS C 61 28.26 17.03 -20.87
C LYS C 61 28.33 15.67 -21.57
N THR C 62 27.73 15.63 -22.77
CA THR C 62 27.65 14.38 -23.53
C THR C 62 29.02 13.85 -23.92
N ASP C 63 30.00 14.74 -24.11
CA ASP C 63 31.32 14.30 -24.52
C ASP C 63 32.18 13.78 -23.36
N CYS C 64 31.67 13.84 -22.12
CA CYS C 64 32.36 13.29 -20.96
C CYS C 64 31.33 12.52 -20.13
N SER C 65 30.98 11.32 -20.59
CA SER C 65 29.97 10.53 -19.89
C SER C 65 30.32 10.17 -18.45
N PRO C 66 31.58 9.98 -18.06
CA PRO C 66 31.86 9.74 -16.63
C PRO C 66 31.36 10.86 -15.71
N ILE C 67 31.50 12.12 -16.10
CA ILE C 67 31.03 13.19 -15.23
C ILE C 67 29.50 13.28 -15.24
N GLN C 68 28.86 12.87 -16.34
CA GLN C 68 27.41 12.69 -16.32
C GLN C 68 27.00 11.68 -15.27
N PHE C 69 27.70 10.54 -15.22
CA PHE C 69 27.37 9.48 -14.27
C PHE C 69 27.61 9.93 -12.83
N GLU C 70 28.78 10.54 -12.57
CA GLU C 70 29.13 10.91 -11.19
C GLU C 70 28.18 11.97 -10.64
N SER C 71 27.84 12.98 -11.44
CA SER C 71 26.91 14.00 -10.98
C SER C 71 25.49 13.45 -10.87
N ALA C 72 25.10 12.57 -11.79
CA ALA C 72 23.80 11.90 -11.67
C ALA C 72 23.69 11.14 -10.35
N TRP C 73 24.72 10.36 -10.02
CA TRP C 73 24.77 9.64 -8.76
C TRP C 73 24.76 10.60 -7.58
N ALA C 74 25.53 11.69 -7.66
CA ALA C 74 25.58 12.67 -6.58
C ALA C 74 24.22 13.34 -6.40
N LEU C 75 23.60 13.78 -7.49
CA LEU C 75 22.28 14.41 -7.39
C LEU C 75 21.22 13.43 -6.91
N THR C 76 21.30 12.18 -7.36
CA THR C 76 20.40 11.13 -6.87
C THR C 76 20.41 11.08 -5.35
N ASN C 77 21.60 11.13 -4.75
CA ASN C 77 21.68 10.98 -3.30
C ASN C 77 21.28 12.23 -2.55
N ILE C 78 21.51 13.42 -3.12
CA ILE C 78 20.91 14.63 -2.54
C ILE C 78 19.40 14.54 -2.61
N ALA C 79 18.88 14.13 -3.77
CA ALA C 79 17.44 14.02 -3.95
C ALA C 79 16.81 12.97 -3.04
N SER C 80 17.61 12.07 -2.47
CA SER C 80 17.11 11.00 -1.62
C SER C 80 16.88 11.43 -0.18
N GLY C 81 17.12 12.70 0.15
CA GLY C 81 16.99 13.19 1.50
C GLY C 81 15.63 13.78 1.78
N THR C 82 15.62 14.84 2.61
CA THR C 82 14.40 15.51 2.99
C THR C 82 13.76 16.19 1.78
N SER C 83 12.53 16.68 2.00
CA SER C 83 11.83 17.40 0.95
C SER C 83 12.62 18.63 0.52
N GLU C 84 13.13 19.41 1.49
CA GLU C 84 13.91 20.59 1.16
C GLU C 84 15.16 20.22 0.34
N GLN C 85 15.76 19.07 0.65
CA GLN C 85 16.93 18.64 -0.11
C GLN C 85 16.54 18.19 -1.51
N THR C 86 15.42 17.49 -1.67
CA THR C 86 14.93 17.16 -3.00
C THR C 86 14.56 18.43 -3.77
N LYS C 87 13.94 19.39 -3.09
CA LYS C 87 13.54 20.65 -3.74
C LYS C 87 14.75 21.37 -4.33
N ALA C 88 15.87 21.38 -3.60
CA ALA C 88 17.07 22.02 -4.10
C ALA C 88 17.53 21.39 -5.40
N VAL C 89 17.40 20.07 -5.53
CA VAL C 89 17.74 19.39 -6.78
C VAL C 89 16.79 19.85 -7.89
N VAL C 90 15.49 19.90 -7.59
CA VAL C 90 14.50 20.36 -8.56
C VAL C 90 14.74 21.82 -8.91
N ASP C 91 15.02 22.65 -7.90
CA ASP C 91 15.22 24.07 -8.15
C ASP C 91 16.39 24.31 -9.09
N GLY C 92 17.38 23.41 -9.11
CA GLY C 92 18.54 23.53 -9.95
C GLY C 92 18.34 23.10 -11.39
N GLY C 93 17.12 22.76 -11.77
CA GLY C 93 16.82 22.38 -13.14
C GLY C 93 17.05 20.94 -13.48
N ALA C 94 17.05 20.05 -12.49
CA ALA C 94 17.52 18.68 -12.71
C ALA C 94 16.52 17.83 -13.49
N ILE C 95 15.22 18.12 -13.36
CA ILE C 95 14.20 17.23 -13.97
C ILE C 95 14.38 17.11 -15.47
N PRO C 96 14.40 18.18 -16.27
CA PRO C 96 14.61 17.99 -17.71
C PRO C 96 15.97 17.41 -18.05
N ALA C 97 17.02 17.75 -17.29
CA ALA C 97 18.33 17.19 -17.56
C ALA C 97 18.35 15.67 -17.32
N PHE C 98 17.64 15.20 -16.29
CA PHE C 98 17.59 13.78 -16.03
C PHE C 98 16.75 13.05 -17.06
N ILE C 99 15.64 13.66 -17.50
CA ILE C 99 14.81 13.06 -18.54
C ILE C 99 15.59 12.96 -19.84
N SER C 100 16.44 13.94 -20.13
CA SER C 100 17.30 13.86 -21.30
C SER C 100 18.29 12.71 -21.21
N LEU C 101 18.67 12.33 -19.98
CA LEU C 101 19.63 11.24 -19.80
C LEU C 101 19.00 9.87 -19.94
N LEU C 102 17.67 9.79 -19.92
CA LEU C 102 17.01 8.50 -20.08
C LEU C 102 17.37 7.84 -21.41
N ALA C 103 17.62 8.64 -22.44
CA ALA C 103 17.98 8.13 -23.76
C ALA C 103 19.49 7.97 -23.94
N SER C 104 20.25 8.02 -22.85
CA SER C 104 21.71 7.87 -22.96
C SER C 104 22.05 6.51 -23.56
N PRO C 105 23.09 6.45 -24.41
CA PRO C 105 23.56 5.14 -24.87
C PRO C 105 24.25 4.33 -23.80
N HIS C 106 24.58 4.95 -22.67
CA HIS C 106 25.24 4.29 -21.56
C HIS C 106 24.18 3.84 -20.56
N ALA C 107 24.01 2.51 -20.44
CA ALA C 107 22.95 1.97 -19.61
C ALA C 107 23.06 2.46 -18.16
N HIS C 108 24.28 2.49 -17.61
CA HIS C 108 24.44 2.88 -16.22
C HIS C 108 24.08 4.34 -15.99
N ILE C 109 24.18 5.18 -17.03
CA ILE C 109 23.81 6.58 -16.87
C ILE C 109 22.30 6.76 -16.92
N SER C 110 21.63 6.10 -17.87
CA SER C 110 20.17 6.18 -17.93
C SER C 110 19.55 5.53 -16.70
N GLU C 111 20.11 4.42 -16.22
CA GLU C 111 19.64 3.82 -14.99
C GLU C 111 19.74 4.78 -13.81
N GLN C 112 20.85 5.53 -13.73
CA GLN C 112 20.99 6.51 -12.67
C GLN C 112 19.96 7.62 -12.80
N ALA C 113 19.67 8.02 -14.04
CA ALA C 113 18.63 9.02 -14.26
C ALA C 113 17.26 8.49 -13.87
N VAL C 114 17.00 7.20 -14.16
CA VAL C 114 15.77 6.57 -13.69
C VAL C 114 15.67 6.65 -12.18
N TRP C 115 16.76 6.28 -11.50
CA TRP C 115 16.81 6.34 -10.04
C TRP C 115 16.54 7.75 -9.53
N ALA C 116 17.22 8.73 -10.11
CA ALA C 116 17.08 10.11 -9.66
C ALA C 116 15.64 10.61 -9.80
N LEU C 117 15.02 10.35 -10.96
CA LEU C 117 13.64 10.75 -11.15
C LEU C 117 12.72 10.03 -10.17
N GLY C 118 13.04 8.79 -9.81
CA GLY C 118 12.26 8.09 -8.80
C GLY C 118 12.30 8.79 -7.46
N ASN C 119 13.48 9.29 -7.08
CA ASN C 119 13.61 10.03 -5.83
C ASN C 119 12.81 11.33 -5.88
N ILE C 120 12.88 12.05 -7.00
CA ILE C 120 12.17 13.32 -7.12
C ILE C 120 10.66 13.09 -7.10
N ALA C 121 10.18 12.14 -7.90
CA ALA C 121 8.76 11.80 -7.91
C ALA C 121 8.32 11.29 -6.54
N GLY C 122 9.19 10.53 -5.87
CA GLY C 122 8.87 9.97 -4.57
C GLY C 122 8.62 10.99 -3.47
N ASP C 123 8.97 12.26 -3.69
CA ASP C 123 8.80 13.26 -2.64
C ASP C 123 7.34 13.55 -2.38
N GLY C 124 6.50 13.50 -3.41
CA GLY C 124 5.09 13.77 -3.25
C GLY C 124 4.45 14.08 -4.57
N SER C 125 3.14 14.32 -4.50
CA SER C 125 2.33 14.43 -5.71
C SER C 125 2.71 15.64 -6.56
N ALA C 126 3.15 16.73 -5.93
CA ALA C 126 3.51 17.92 -6.70
C ALA C 126 4.74 17.66 -7.56
N PHE C 127 5.81 17.16 -6.95
CA PHE C 127 7.00 16.82 -7.73
C PHE C 127 6.73 15.64 -8.66
N ARG C 128 5.88 14.71 -8.25
CA ARG C 128 5.49 13.61 -9.14
C ARG C 128 4.83 14.15 -10.40
N ASP C 129 3.85 15.05 -10.25
CA ASP C 129 3.16 15.61 -11.40
C ASP C 129 4.06 16.54 -12.21
N LEU C 130 5.05 17.17 -11.57
CA LEU C 130 6.00 18.00 -12.31
C LEU C 130 6.91 17.14 -13.17
N VAL C 131 7.35 15.99 -12.64
CA VAL C 131 8.11 15.04 -13.44
C VAL C 131 7.30 14.57 -14.64
N ILE C 132 6.00 14.32 -14.42
CA ILE C 132 5.12 13.91 -15.51
C ILE C 132 4.98 15.03 -16.53
N LYS C 133 4.85 16.28 -16.06
CA LYS C 133 4.66 17.41 -16.97
C LYS C 133 5.88 17.62 -17.85
N HIS C 134 7.08 17.42 -17.30
CA HIS C 134 8.30 17.51 -18.10
C HIS C 134 8.40 16.39 -19.13
N GLY C 135 7.52 15.40 -19.10
CA GLY C 135 7.49 14.38 -20.13
C GLY C 135 8.29 13.13 -19.83
N ALA C 136 8.34 12.70 -18.58
CA ALA C 136 9.22 11.58 -18.22
C ALA C 136 8.66 10.23 -18.64
N ILE C 137 7.33 10.12 -18.76
CA ILE C 137 6.70 8.81 -18.86
C ILE C 137 7.08 8.13 -20.18
N ASP C 138 7.00 8.85 -21.29
CA ASP C 138 7.35 8.27 -22.59
C ASP C 138 8.77 7.70 -22.62
N PRO C 139 9.82 8.45 -22.23
CA PRO C 139 11.16 7.84 -22.24
C PRO C 139 11.29 6.67 -21.28
N LEU C 140 10.62 6.73 -20.13
CA LEU C 140 10.66 5.60 -19.20
C LEU C 140 10.05 4.35 -19.81
N LEU C 141 8.86 4.48 -20.40
CA LEU C 141 8.19 3.33 -21.00
C LEU C 141 8.95 2.81 -22.21
N ALA C 142 9.61 3.69 -22.97
CA ALA C 142 10.39 3.24 -24.11
C ALA C 142 11.52 2.32 -23.68
N LEU C 143 12.06 2.51 -22.47
CA LEU C 143 13.12 1.63 -21.98
C LEU C 143 12.63 0.22 -21.69
N LEU C 144 11.33 0.04 -21.52
CA LEU C 144 10.74 -1.27 -21.28
C LEU C 144 10.03 -1.83 -22.51
N ALA C 145 10.13 -1.16 -23.65
CA ALA C 145 9.51 -1.60 -24.90
C ALA C 145 10.41 -2.63 -25.59
N VAL C 146 10.48 -3.81 -24.98
CA VAL C 146 11.30 -4.91 -25.51
C VAL C 146 10.43 -6.17 -25.57
N PRO C 147 10.74 -7.12 -26.45
CA PRO C 147 9.90 -8.33 -26.55
C PRO C 147 9.87 -9.15 -25.28
N ASP C 148 10.99 -9.25 -24.57
CA ASP C 148 11.10 -10.06 -23.37
C ASP C 148 11.85 -9.26 -22.31
N LEU C 149 11.18 -8.99 -21.18
CA LEU C 149 11.79 -8.23 -20.10
C LEU C 149 13.05 -8.92 -19.58
N SER C 150 13.12 -10.25 -19.70
CA SER C 150 14.24 -11.00 -19.13
C SER C 150 15.59 -10.65 -19.76
N THR C 151 15.59 -10.01 -20.94
CA THR C 151 16.85 -9.61 -21.57
C THR C 151 17.42 -8.33 -20.98
N LEU C 152 16.64 -7.59 -20.18
CA LEU C 152 17.16 -6.41 -19.51
C LEU C 152 17.92 -6.79 -18.24
N ALA C 153 18.89 -5.97 -17.88
CA ALA C 153 19.65 -6.21 -16.65
C ALA C 153 18.73 -6.12 -15.44
N CYS C 154 18.92 -7.07 -14.51
CA CYS C 154 18.05 -7.19 -13.35
C CYS C 154 17.94 -5.88 -12.58
N GLY C 155 19.09 -5.33 -12.19
CA GLY C 155 19.07 -4.08 -11.41
C GLY C 155 18.43 -2.94 -12.17
N TYR C 156 18.65 -2.89 -13.49
CA TYR C 156 18.01 -1.89 -14.34
C TYR C 156 16.50 -2.03 -14.31
N LEU C 157 16.00 -3.26 -14.47
CA LEU C 157 14.56 -3.49 -14.49
C LEU C 157 13.92 -3.14 -13.16
N ARG C 158 14.61 -3.44 -12.05
CA ARG C 158 14.07 -3.13 -10.74
C ARG C 158 13.97 -1.63 -10.52
N ASN C 159 14.95 -0.87 -11.02
CA ASN C 159 14.92 0.57 -10.84
C ASN C 159 13.79 1.20 -11.65
N LEU C 160 13.61 0.75 -12.89
CA LEU C 160 12.50 1.23 -13.70
C LEU C 160 11.17 0.94 -13.03
N THR C 161 10.97 -0.29 -12.57
CA THR C 161 9.74 -0.65 -11.89
C THR C 161 9.51 0.23 -10.67
N TRP C 162 10.55 0.42 -9.86
CA TRP C 162 10.40 1.21 -8.63
C TRP C 162 10.05 2.66 -8.96
N THR C 163 10.72 3.24 -9.96
CA THR C 163 10.43 4.62 -10.33
C THR C 163 9.03 4.76 -10.90
N LEU C 164 8.61 3.79 -11.72
CA LEU C 164 7.22 3.77 -12.19
C LEU C 164 6.25 3.69 -11.03
N SER C 165 6.60 2.93 -9.99
CA SER C 165 5.69 2.83 -8.85
C SER C 165 5.55 4.17 -8.13
N ASN C 166 6.59 5.01 -8.14
CA ASN C 166 6.47 6.32 -7.53
C ASN C 166 5.61 7.26 -8.37
N LEU C 167 5.58 7.05 -9.69
CA LEU C 167 4.71 7.85 -10.54
C LEU C 167 3.24 7.51 -10.32
N CYS C 168 2.96 6.38 -9.68
CA CYS C 168 1.60 5.97 -9.34
C CYS C 168 1.24 6.24 -7.89
N ARG C 169 2.19 6.69 -7.08
CA ARG C 169 2.01 6.82 -5.64
C ARG C 169 1.45 8.20 -5.29
N ASN C 170 0.83 8.26 -4.10
CA ASN C 170 0.34 9.46 -3.43
C ASN C 170 -1.03 9.88 -3.97
N LYS C 171 -1.82 10.60 -3.16
CA LYS C 171 -3.27 10.59 -3.33
C LYS C 171 -3.98 11.94 -3.31
N ASN C 172 -3.33 13.05 -2.96
CA ASN C 172 -4.00 14.35 -2.90
C ASN C 172 -3.19 15.36 -3.71
N PRO C 173 -3.33 15.35 -5.05
CA PRO C 173 -4.26 14.48 -5.77
C PRO C 173 -3.63 13.16 -6.22
N ALA C 174 -4.48 12.24 -6.69
CA ALA C 174 -4.02 11.03 -7.34
C ALA C 174 -3.33 11.40 -8.65
N PRO C 175 -2.51 10.50 -9.20
CA PRO C 175 -1.81 10.82 -10.45
C PRO C 175 -2.81 11.12 -11.54
N PRO C 176 -2.41 11.90 -12.55
CA PRO C 176 -3.33 12.24 -13.64
C PRO C 176 -3.87 10.99 -14.32
N LEU C 177 -5.18 11.02 -14.63
CA LEU C 177 -5.84 9.86 -15.21
C LEU C 177 -5.12 9.37 -16.47
N ASP C 178 -4.74 10.29 -17.36
CA ASP C 178 -4.11 9.88 -18.61
C ASP C 178 -2.72 9.32 -18.39
N ALA C 179 -2.03 9.79 -17.35
CA ALA C 179 -0.73 9.20 -17.00
C ALA C 179 -0.89 7.76 -16.53
N VAL C 180 -1.92 7.49 -15.72
CA VAL C 180 -2.18 6.13 -15.25
C VAL C 180 -2.52 5.21 -16.42
N GLU C 181 -3.37 5.67 -17.33
CA GLU C 181 -3.70 4.86 -18.51
C GLU C 181 -2.46 4.58 -19.35
N GLN C 182 -1.57 5.56 -19.47
CA GLN C 182 -0.34 5.38 -20.24
C GLN C 182 0.57 4.34 -19.60
N ILE C 183 0.59 4.29 -18.26
CA ILE C 183 1.54 3.43 -17.55
C ILE C 183 1.00 2.02 -17.40
N LEU C 184 -0.33 1.87 -17.33
CA LEU C 184 -0.93 0.60 -16.91
C LEU C 184 -0.51 -0.60 -17.74
N PRO C 185 -0.52 -0.56 -19.07
CA PRO C 185 -0.16 -1.79 -19.82
C PRO C 185 1.26 -2.25 -19.56
N THR C 186 2.20 -1.33 -19.32
CA THR C 186 3.54 -1.74 -18.92
C THR C 186 3.53 -2.35 -17.53
N LEU C 187 2.77 -1.73 -16.61
CA LEU C 187 2.63 -2.28 -15.26
C LEU C 187 2.08 -3.71 -15.30
N VAL C 188 1.09 -3.96 -16.15
CA VAL C 188 0.52 -5.30 -16.27
C VAL C 188 1.58 -6.28 -16.73
N ARG C 189 2.44 -5.87 -17.66
CA ARG C 189 3.51 -6.74 -18.12
C ARG C 189 4.52 -7.02 -17.00
N LEU C 190 4.87 -6.00 -16.22
CA LEU C 190 5.79 -6.20 -15.11
C LEU C 190 5.18 -7.09 -14.03
N LEU C 191 3.85 -7.08 -13.90
CA LEU C 191 3.18 -7.93 -12.92
C LEU C 191 3.29 -9.41 -13.26
N HIS C 192 3.69 -9.74 -14.48
CA HIS C 192 3.88 -11.13 -14.89
C HIS C 192 5.36 -11.51 -14.99
N HIS C 193 6.26 -10.58 -14.70
CA HIS C 193 7.68 -10.90 -14.65
C HIS C 193 7.99 -11.85 -13.49
N ASN C 194 9.13 -12.51 -13.57
CA ASN C 194 9.49 -13.54 -12.61
C ASN C 194 10.44 -13.06 -11.52
N ASP C 195 10.80 -11.78 -11.52
CA ASP C 195 11.72 -11.33 -10.47
C ASP C 195 10.94 -10.90 -9.23
N PRO C 196 11.29 -11.42 -8.05
CA PRO C 196 10.51 -11.10 -6.85
C PRO C 196 10.45 -9.62 -6.52
N GLU C 197 11.52 -8.87 -6.81
CA GLU C 197 11.51 -7.45 -6.49
C GLU C 197 10.68 -6.66 -7.49
N VAL C 198 10.78 -6.99 -8.78
CA VAL C 198 9.89 -6.39 -9.77
C VAL C 198 8.44 -6.66 -9.39
N LEU C 199 8.15 -7.89 -8.97
CA LEU C 199 6.79 -8.26 -8.60
C LEU C 199 6.30 -7.48 -7.39
N ALA C 200 7.14 -7.35 -6.37
CA ALA C 200 6.73 -6.63 -5.16
C ALA C 200 6.42 -5.17 -5.48
N ASP C 201 7.31 -4.51 -6.20
CA ASP C 201 7.09 -3.10 -6.55
C ASP C 201 5.97 -2.94 -7.56
N SER C 202 5.77 -3.93 -8.43
CA SER C 202 4.62 -3.87 -9.34
C SER C 202 3.31 -3.92 -8.57
N CYS C 203 3.22 -4.76 -7.54
CA CYS C 203 2.03 -4.87 -6.72
C CYS C 203 1.84 -3.61 -5.89
N TRP C 204 2.94 -3.04 -5.41
CA TRP C 204 2.87 -1.75 -4.71
C TRP C 204 2.27 -0.68 -5.60
N ALA C 205 2.72 -0.64 -6.87
CA ALA C 205 2.14 0.32 -7.81
C ALA C 205 0.66 0.09 -8.01
N ILE C 206 0.25 -1.18 -8.16
CA ILE C 206 -1.17 -1.49 -8.31
C ILE C 206 -1.94 -1.10 -7.04
N SER C 207 -1.34 -1.31 -5.88
CA SER C 207 -2.03 -0.98 -4.63
C SER C 207 -2.25 0.52 -4.50
N TYR C 208 -1.28 1.32 -4.96
CA TYR C 208 -1.49 2.78 -4.98
C TYR C 208 -2.63 3.15 -5.92
N LEU C 209 -2.67 2.54 -7.12
CA LEU C 209 -3.65 2.92 -8.12
C LEU C 209 -5.07 2.54 -7.70
N THR C 210 -5.22 1.47 -6.93
CA THR C 210 -6.53 1.02 -6.48
C THR C 210 -6.95 1.67 -5.16
N ASP C 211 -6.10 2.51 -4.57
CA ASP C 211 -6.41 3.22 -3.33
C ASP C 211 -7.04 4.56 -3.69
N GLY C 212 -8.33 4.51 -4.04
CA GLY C 212 -9.06 5.68 -4.44
C GLY C 212 -10.52 5.38 -4.73
N PRO C 213 -11.18 6.25 -5.47
CA PRO C 213 -12.59 6.01 -5.82
C PRO C 213 -12.74 4.86 -6.77
N ASN C 214 -14.00 4.41 -6.92
CA ASN C 214 -14.28 3.22 -7.72
C ASN C 214 -13.81 3.36 -9.16
N GLU C 215 -13.78 4.59 -9.68
CA GLU C 215 -13.31 4.81 -11.05
C GLU C 215 -11.83 4.49 -11.18
N ARG C 216 -11.04 4.81 -10.15
CA ARG C 216 -9.63 4.42 -10.14
C ARG C 216 -9.49 2.91 -10.07
N ILE C 217 -10.28 2.26 -9.21
CA ILE C 217 -10.29 0.80 -9.13
C ILE C 217 -10.63 0.19 -10.48
N GLU C 218 -11.61 0.78 -11.18
CA GLU C 218 -12.09 0.19 -12.43
C GLU C 218 -11.03 0.22 -13.51
N MET C 219 -10.25 1.30 -13.60
CA MET C 219 -9.17 1.37 -14.58
C MET C 219 -8.23 0.18 -14.44
N VAL C 220 -7.93 -0.20 -13.20
CA VAL C 220 -7.04 -1.33 -12.95
C VAL C 220 -7.77 -2.64 -13.20
N VAL C 221 -8.98 -2.77 -12.62
CA VAL C 221 -9.71 -4.05 -12.65
C VAL C 221 -9.98 -4.49 -14.08
N LYS C 222 -10.32 -3.55 -14.96
CA LYS C 222 -10.66 -3.94 -16.33
C LYS C 222 -9.44 -4.20 -17.19
N LYS C 223 -8.23 -3.99 -16.68
CA LYS C 223 -7.04 -4.50 -17.35
C LYS C 223 -6.80 -5.97 -17.07
N GLY C 224 -7.63 -6.60 -16.23
CA GLY C 224 -7.58 -8.03 -16.04
C GLY C 224 -6.54 -8.52 -15.06
N VAL C 225 -6.03 -7.65 -14.18
CA VAL C 225 -4.93 -8.04 -13.30
C VAL C 225 -5.37 -8.82 -12.07
N VAL C 226 -6.68 -8.92 -11.82
CA VAL C 226 -7.16 -9.53 -10.58
C VAL C 226 -6.70 -10.98 -10.43
N PRO C 227 -6.84 -11.85 -11.43
CA PRO C 227 -6.32 -13.22 -11.25
C PRO C 227 -4.82 -13.27 -10.94
N GLN C 228 -4.01 -12.46 -11.62
CA GLN C 228 -2.58 -12.45 -11.33
C GLN C 228 -2.31 -11.93 -9.93
N LEU C 229 -3.10 -10.96 -9.47
CA LEU C 229 -2.96 -10.49 -8.09
C LEU C 229 -3.28 -11.61 -7.11
N VAL C 230 -4.31 -12.42 -7.40
CA VAL C 230 -4.66 -13.52 -6.52
C VAL C 230 -3.55 -14.57 -6.50
N LYS C 231 -2.94 -14.84 -7.66
CA LYS C 231 -1.82 -15.77 -7.70
C LYS C 231 -0.66 -15.27 -6.83
N LEU C 232 -0.32 -13.99 -6.96
CA LEU C 232 0.72 -13.41 -6.13
C LEU C 232 0.32 -13.37 -4.66
N LEU C 233 -0.98 -13.37 -4.37
CA LEU C 233 -1.44 -13.46 -2.98
C LEU C 233 -0.93 -14.72 -2.29
N GLY C 234 -0.69 -15.78 -3.06
CA GLY C 234 -0.19 -17.04 -2.54
C GLY C 234 1.31 -17.21 -2.61
N ALA C 235 2.05 -16.17 -2.95
CA ALA C 235 3.49 -16.26 -3.06
C ALA C 235 4.11 -16.61 -1.70
N THR C 236 5.27 -17.26 -1.74
CA THR C 236 6.00 -17.53 -0.51
C THR C 236 6.72 -16.30 0.01
N GLU C 237 6.99 -15.32 -0.86
CA GLU C 237 7.73 -14.12 -0.47
C GLU C 237 6.77 -13.11 0.14
N LEU C 238 6.93 -12.85 1.45
CA LEU C 238 6.09 -11.87 2.11
C LEU C 238 6.19 -10.46 1.51
N PRO C 239 7.32 -9.99 1.00
CA PRO C 239 7.32 -8.69 0.30
C PRO C 239 6.45 -8.67 -0.95
N ILE C 240 6.04 -9.82 -1.47
CA ILE C 240 5.06 -9.85 -2.55
C ILE C 240 3.64 -9.92 -2.01
N VAL C 241 3.41 -10.73 -0.97
CA VAL C 241 2.06 -10.92 -0.45
C VAL C 241 1.50 -9.63 0.11
N THR C 242 2.32 -8.86 0.84
CA THR C 242 1.82 -7.65 1.49
C THR C 242 1.23 -6.65 0.49
N PRO C 243 1.94 -6.22 -0.56
CA PRO C 243 1.30 -5.32 -1.53
C PRO C 243 0.21 -5.96 -2.35
N ALA C 244 0.36 -7.25 -2.69
CA ALA C 244 -0.74 -7.95 -3.38
C ALA C 244 -2.01 -7.91 -2.54
N LEU C 245 -1.89 -8.17 -1.24
CA LEU C 245 -3.05 -8.15 -0.35
C LEU C 245 -3.62 -6.74 -0.21
N ARG C 246 -2.74 -5.74 -0.12
CA ARG C 246 -3.21 -4.36 -0.09
C ARG C 246 -4.00 -4.02 -1.35
N ALA C 247 -3.52 -4.48 -2.51
CA ALA C 247 -4.25 -4.25 -3.75
C ALA C 247 -5.61 -4.95 -3.74
N ILE C 248 -5.63 -6.22 -3.36
CA ILE C 248 -6.88 -6.98 -3.33
C ILE C 248 -7.88 -6.31 -2.38
N GLY C 249 -7.42 -5.96 -1.19
CA GLY C 249 -8.29 -5.29 -0.23
C GLY C 249 -8.82 -3.97 -0.73
N ASN C 250 -7.98 -3.22 -1.46
CA ASN C 250 -8.42 -1.97 -2.08
C ASN C 250 -9.55 -2.23 -3.06
N ILE C 251 -9.42 -3.26 -3.89
CA ILE C 251 -10.39 -3.53 -4.94
C ILE C 251 -11.75 -3.87 -4.33
N VAL C 252 -11.75 -4.58 -3.21
CA VAL C 252 -13.02 -4.94 -2.57
C VAL C 252 -13.63 -3.79 -1.78
N THR C 253 -12.98 -2.62 -1.73
CA THR C 253 -13.66 -1.43 -1.26
C THR C 253 -14.57 -0.82 -2.32
N GLY C 254 -14.46 -1.27 -3.57
CA GLY C 254 -15.27 -0.74 -4.65
C GLY C 254 -16.68 -1.28 -4.69
N THR C 255 -17.20 -1.49 -5.90
CA THR C 255 -18.55 -1.98 -6.07
C THR C 255 -18.63 -3.47 -5.75
N ASP C 256 -19.86 -3.96 -5.59
CA ASP C 256 -20.07 -5.40 -5.46
C ASP C 256 -19.60 -6.13 -6.71
N GLU C 257 -19.67 -5.47 -7.87
CA GLU C 257 -19.20 -6.09 -9.11
C GLU C 257 -17.68 -6.24 -9.11
N GLN C 258 -16.96 -5.16 -8.74
CA GLN C 258 -15.52 -5.25 -8.64
C GLN C 258 -15.09 -6.25 -7.56
N THR C 259 -15.83 -6.29 -6.44
CA THR C 259 -15.56 -7.29 -5.41
C THR C 259 -15.79 -8.71 -5.95
N GLN C 260 -16.83 -8.89 -6.77
CA GLN C 260 -17.14 -10.21 -7.30
C GLN C 260 -16.00 -10.77 -8.15
N LYS C 261 -15.26 -9.89 -8.83
CA LYS C 261 -14.13 -10.36 -9.64
C LYS C 261 -13.00 -10.89 -8.77
N VAL C 262 -12.84 -10.36 -7.56
CA VAL C 262 -11.89 -10.93 -6.61
C VAL C 262 -12.33 -12.33 -6.18
N ILE C 263 -13.64 -12.48 -5.91
CA ILE C 263 -14.17 -13.79 -5.53
C ILE C 263 -14.06 -14.76 -6.71
N ASP C 264 -14.44 -14.31 -7.90
CA ASP C 264 -14.37 -15.17 -9.08
C ASP C 264 -12.96 -15.68 -9.32
N ALA C 265 -11.94 -14.83 -9.07
CA ALA C 265 -10.55 -15.20 -9.30
C ALA C 265 -10.03 -16.19 -8.26
N GLY C 266 -10.83 -16.57 -7.28
CA GLY C 266 -10.45 -17.58 -6.32
C GLY C 266 -9.73 -17.07 -5.09
N ALA C 267 -9.88 -15.79 -4.75
CA ALA C 267 -9.10 -15.21 -3.66
C ALA C 267 -9.47 -15.80 -2.31
N LEU C 268 -10.74 -16.19 -2.10
CA LEU C 268 -11.17 -16.62 -0.78
C LEU C 268 -10.46 -17.89 -0.33
N ALA C 269 -10.00 -18.73 -1.29
CA ALA C 269 -9.32 -19.96 -0.93
C ALA C 269 -7.98 -19.72 -0.26
N VAL C 270 -7.39 -18.54 -0.47
CA VAL C 270 -6.12 -18.20 0.19
C VAL C 270 -6.32 -17.73 1.62
N PHE C 271 -7.54 -17.41 2.02
CA PHE C 271 -7.72 -16.68 3.26
C PHE C 271 -7.60 -17.52 4.54
N PRO C 272 -7.80 -18.84 4.52
CA PRO C 272 -7.40 -19.64 5.68
C PRO C 272 -5.96 -19.39 6.11
N SER C 273 -5.04 -19.28 5.15
CA SER C 273 -3.65 -18.97 5.49
C SER C 273 -3.50 -17.52 5.93
N LEU C 274 -4.15 -16.59 5.21
CA LEU C 274 -3.97 -15.17 5.51
C LEU C 274 -4.51 -14.81 6.88
N LEU C 275 -5.66 -15.38 7.25
CA LEU C 275 -6.26 -15.07 8.54
C LEU C 275 -5.58 -15.77 9.71
N THR C 276 -4.62 -16.65 9.43
CA THR C 276 -3.76 -17.22 10.46
C THR C 276 -2.29 -16.85 10.25
N ASN C 277 -2.01 -15.92 9.33
CA ASN C 277 -0.64 -15.62 8.94
C ASN C 277 0.15 -15.10 10.12
N PRO C 278 1.40 -15.52 10.29
CA PRO C 278 2.15 -15.12 11.50
C PRO C 278 2.48 -13.63 11.57
N LYS C 279 2.60 -12.93 10.45
CA LYS C 279 2.82 -11.48 10.52
C LYS C 279 1.50 -10.81 10.81
N THR C 280 1.45 -10.07 11.92
CA THR C 280 0.22 -9.46 12.42
C THR C 280 -0.43 -8.53 11.39
N ASN C 281 0.37 -7.86 10.56
CA ASN C 281 -0.19 -6.90 9.60
C ASN C 281 -0.91 -7.61 8.45
N ILE C 282 -0.46 -8.81 8.08
CA ILE C 282 -1.19 -9.60 7.09
C ILE C 282 -2.56 -9.97 7.62
N GLN C 283 -2.61 -10.45 8.87
CA GLN C 283 -3.88 -10.80 9.49
C GLN C 283 -4.82 -9.61 9.54
N LYS C 284 -4.31 -8.43 9.91
CA LYS C 284 -5.14 -7.24 9.95
C LYS C 284 -5.69 -6.90 8.58
N GLU C 285 -4.82 -6.88 7.56
CA GLU C 285 -5.27 -6.59 6.20
C GLU C 285 -6.27 -7.62 5.71
N ALA C 286 -6.00 -8.90 5.97
CA ALA C 286 -6.90 -9.96 5.50
C ALA C 286 -8.26 -9.86 6.18
N THR C 287 -8.29 -9.53 7.47
CA THR C 287 -9.56 -9.42 8.17
C THR C 287 -10.34 -8.18 7.72
N TRP C 288 -9.62 -7.06 7.51
CA TRP C 288 -10.24 -5.88 6.93
C TRP C 288 -10.83 -6.20 5.57
N THR C 289 -10.06 -6.87 4.71
CA THR C 289 -10.57 -7.34 3.44
C THR C 289 -11.83 -8.17 3.62
N MET C 290 -11.81 -9.11 4.58
CA MET C 290 -12.98 -9.94 4.84
C MET C 290 -14.19 -9.09 5.24
N SER C 291 -13.96 -8.07 6.07
CA SER C 291 -15.06 -7.22 6.53
C SER C 291 -15.73 -6.49 5.38
N ASN C 292 -14.96 -6.13 4.35
CA ASN C 292 -15.54 -5.49 3.19
C ASN C 292 -16.21 -6.48 2.24
N ILE C 293 -15.84 -7.76 2.32
CA ILE C 293 -16.56 -8.78 1.56
C ILE C 293 -17.88 -9.12 2.24
N THR C 294 -17.88 -9.23 3.57
CA THR C 294 -19.14 -9.45 4.27
C THR C 294 -20.06 -8.23 4.23
N ALA C 295 -19.56 -7.09 3.77
CA ALA C 295 -20.41 -5.92 3.51
C ALA C 295 -21.10 -6.00 2.15
N GLY C 296 -20.87 -7.07 1.39
CA GLY C 296 -21.42 -7.20 0.06
C GLY C 296 -22.77 -7.90 0.04
N ARG C 297 -23.09 -8.45 -1.13
CA ARG C 297 -24.38 -9.08 -1.34
C ARG C 297 -24.46 -10.41 -0.57
N GLN C 298 -25.67 -10.94 -0.49
CA GLN C 298 -25.90 -12.19 0.24
C GLN C 298 -25.20 -13.36 -0.44
N ASP C 299 -25.15 -13.36 -1.77
CA ASP C 299 -24.42 -14.41 -2.47
C ASP C 299 -22.91 -14.31 -2.25
N GLN C 300 -22.42 -13.12 -1.92
CA GLN C 300 -21.01 -12.98 -1.58
C GLN C 300 -20.75 -13.41 -0.13
N ILE C 301 -21.69 -13.11 0.77
CA ILE C 301 -21.62 -13.68 2.12
C ILE C 301 -21.65 -15.19 2.06
N GLN C 302 -22.47 -15.75 1.15
CA GLN C 302 -22.56 -17.20 1.02
C GLN C 302 -21.22 -17.80 0.60
N GLN C 303 -20.49 -17.11 -0.28
CA GLN C 303 -19.17 -17.61 -0.69
C GLN C 303 -18.20 -17.64 0.48
N VAL C 304 -18.30 -16.64 1.37
CA VAL C 304 -17.50 -16.66 2.60
C VAL C 304 -17.86 -17.89 3.43
N VAL C 305 -19.16 -18.17 3.57
CA VAL C 305 -19.61 -19.36 4.28
C VAL C 305 -19.08 -20.62 3.59
N ASN C 306 -19.32 -20.73 2.28
CA ASN C 306 -18.90 -21.92 1.52
C ASN C 306 -17.42 -22.23 1.72
N HIS C 307 -16.57 -21.20 1.66
CA HIS C 307 -15.13 -21.39 1.78
C HIS C 307 -14.67 -21.67 3.20
N GLY C 308 -15.61 -21.85 4.14
CA GLY C 308 -15.26 -22.18 5.51
C GLY C 308 -14.57 -21.07 6.26
N LEU C 309 -14.86 -19.82 5.92
CA LEU C 309 -14.14 -18.69 6.49
C LEU C 309 -14.75 -18.13 7.76
N VAL C 310 -15.98 -18.51 8.09
CA VAL C 310 -16.62 -18.04 9.32
C VAL C 310 -15.90 -18.61 10.54
N PRO C 311 -15.50 -19.89 10.57
CA PRO C 311 -14.66 -20.35 11.69
C PRO C 311 -13.34 -19.60 11.81
N PHE C 312 -12.77 -19.14 10.71
CA PHE C 312 -11.54 -18.36 10.82
C PHE C 312 -11.81 -16.97 11.39
N LEU C 313 -12.97 -16.39 11.10
CA LEU C 313 -13.35 -15.13 11.73
C LEU C 313 -13.59 -15.32 13.22
N VAL C 314 -14.21 -16.43 13.61
CA VAL C 314 -14.34 -16.77 15.02
C VAL C 314 -12.96 -16.85 15.66
N GLY C 315 -11.99 -17.42 14.93
CA GLY C 315 -10.62 -17.51 15.40
C GLY C 315 -9.98 -16.18 15.73
N VAL C 316 -9.93 -15.26 14.77
CA VAL C 316 -9.28 -13.98 15.02
C VAL C 316 -10.07 -13.16 16.03
N LEU C 317 -11.39 -13.33 16.06
CA LEU C 317 -12.18 -12.66 17.10
C LEU C 317 -11.78 -13.18 18.48
N SER C 318 -11.47 -14.47 18.58
CA SER C 318 -11.11 -15.06 19.87
C SER C 318 -9.68 -14.71 20.27
N LYS C 319 -8.77 -14.63 19.30
CA LYS C 319 -7.36 -14.37 19.61
C LYS C 319 -6.69 -13.74 18.40
N ALA C 320 -6.23 -12.50 18.57
CA ALA C 320 -5.52 -11.73 17.55
C ALA C 320 -5.09 -10.43 18.19
N ASP C 321 -4.22 -9.70 17.50
CA ASP C 321 -3.92 -8.33 17.91
C ASP C 321 -5.20 -7.53 17.89
N PHE C 322 -5.28 -6.53 18.77
CA PHE C 322 -6.57 -5.87 19.00
C PHE C 322 -7.10 -5.24 17.72
N LYS C 323 -6.23 -4.62 16.93
CA LYS C 323 -6.69 -3.97 15.71
C LYS C 323 -7.21 -4.98 14.71
N THR C 324 -6.66 -6.20 14.71
CA THR C 324 -7.23 -7.27 13.90
C THR C 324 -8.56 -7.73 14.47
N GLN C 325 -8.67 -7.79 15.80
CA GLN C 325 -9.93 -8.18 16.43
C GLN C 325 -11.05 -7.21 16.09
N LYS C 326 -10.74 -5.91 16.00
CA LYS C 326 -11.78 -4.94 15.66
C LYS C 326 -12.21 -5.08 14.20
N GLU C 327 -11.28 -5.41 13.31
CA GLU C 327 -11.66 -5.71 11.93
C GLU C 327 -12.56 -6.94 11.88
N ALA C 328 -12.30 -7.92 12.75
CA ALA C 328 -13.16 -9.09 12.83
C ALA C 328 -14.54 -8.73 13.35
N ALA C 329 -14.61 -7.85 14.35
CA ALA C 329 -15.89 -7.34 14.82
C ALA C 329 -16.66 -6.68 13.68
N TRP C 330 -15.97 -5.82 12.92
CA TRP C 330 -16.60 -5.20 11.76
C TRP C 330 -17.07 -6.26 10.77
N ALA C 331 -16.24 -7.27 10.53
CA ALA C 331 -16.60 -8.34 9.61
C ALA C 331 -17.89 -9.02 10.04
N ILE C 332 -18.08 -9.21 11.35
CA ILE C 332 -19.29 -9.86 11.84
C ILE C 332 -20.49 -8.93 11.68
N THR C 333 -20.36 -7.68 12.13
CA THR C 333 -21.48 -6.73 12.05
C THR C 333 -21.93 -6.54 10.61
N ASN C 334 -20.99 -6.37 9.68
CA ASN C 334 -21.34 -6.28 8.26
C ASN C 334 -22.07 -7.53 7.80
N TYR C 335 -21.55 -8.70 8.19
CA TYR C 335 -22.20 -9.97 7.89
C TYR C 335 -23.65 -10.00 8.37
N THR C 336 -23.88 -9.58 9.62
CA THR C 336 -25.23 -9.60 10.18
C THR C 336 -26.14 -8.55 9.56
N SER C 337 -25.58 -7.49 8.98
CA SER C 337 -26.42 -6.45 8.38
C SER C 337 -26.99 -6.91 7.04
N GLY C 338 -26.23 -7.66 6.26
CA GLY C 338 -26.66 -8.05 4.94
C GLY C 338 -27.06 -9.51 4.81
N GLY C 339 -26.73 -10.33 5.81
CA GLY C 339 -26.94 -11.75 5.70
C GLY C 339 -28.40 -12.14 5.84
N THR C 340 -28.69 -13.35 5.36
CA THR C 340 -30.00 -13.95 5.57
C THR C 340 -30.11 -14.47 7.00
N VAL C 341 -31.33 -14.86 7.38
CA VAL C 341 -31.54 -15.48 8.69
C VAL C 341 -30.69 -16.73 8.82
N GLU C 342 -30.71 -17.59 7.79
CA GLU C 342 -29.93 -18.82 7.83
C GLU C 342 -28.44 -18.53 7.97
N GLN C 343 -27.94 -17.52 7.26
CA GLN C 343 -26.54 -17.17 7.36
C GLN C 343 -26.20 -16.64 8.75
N ILE C 344 -27.10 -15.86 9.34
CA ILE C 344 -26.84 -15.31 10.68
C ILE C 344 -26.90 -16.40 11.73
N VAL C 345 -27.84 -17.34 11.57
CA VAL C 345 -27.93 -18.48 12.50
C VAL C 345 -26.66 -19.31 12.44
N TYR C 346 -26.12 -19.51 11.23
CA TYR C 346 -24.89 -20.28 11.07
C TYR C 346 -23.74 -19.64 11.83
N LEU C 347 -23.69 -18.30 11.85
CA LEU C 347 -22.71 -17.58 12.66
C LEU C 347 -22.72 -18.05 14.11
N VAL C 348 -23.91 -18.14 14.70
CA VAL C 348 -24.03 -18.57 16.10
C VAL C 348 -23.54 -20.00 16.25
N HIS C 349 -23.88 -20.86 15.29
CA HIS C 349 -23.48 -22.26 15.38
C HIS C 349 -21.96 -22.43 15.34
N CYS C 350 -21.26 -21.51 14.69
CA CYS C 350 -19.80 -21.55 14.63
C CYS C 350 -19.14 -20.98 15.89
N GLY C 351 -19.92 -20.46 16.83
CA GLY C 351 -19.37 -20.00 18.09
C GLY C 351 -19.02 -18.53 18.15
N ILE C 352 -19.74 -17.68 17.41
CA ILE C 352 -19.37 -16.26 17.37
C ILE C 352 -19.70 -15.56 18.68
N ILE C 353 -20.66 -16.09 19.44
CA ILE C 353 -21.27 -15.31 20.52
C ILE C 353 -20.27 -15.02 21.63
N GLU C 354 -19.59 -16.05 22.13
CA GLU C 354 -18.74 -15.84 23.31
C GLU C 354 -17.53 -14.98 23.02
N PRO C 355 -16.73 -15.21 21.98
CA PRO C 355 -15.64 -14.25 21.68
C PRO C 355 -16.16 -12.86 21.38
N LEU C 356 -17.36 -12.73 20.84
CA LEU C 356 -17.99 -11.42 20.69
C LEU C 356 -18.22 -10.78 22.06
N MET C 357 -18.76 -11.55 23.01
CA MET C 357 -19.04 -11.02 24.34
C MET C 357 -17.76 -10.61 25.06
N ASN C 358 -16.71 -11.43 24.93
CA ASN C 358 -15.46 -11.13 25.62
C ASN C 358 -14.86 -9.79 25.17
N LEU C 359 -15.07 -9.43 23.90
CA LEU C 359 -14.54 -8.18 23.39
C LEU C 359 -15.27 -6.96 23.92
N LEU C 360 -16.43 -7.13 24.56
CA LEU C 360 -17.08 -6.02 25.25
C LEU C 360 -16.29 -5.56 26.47
N SER C 361 -15.23 -6.29 26.82
CA SER C 361 -14.27 -5.85 27.82
C SER C 361 -13.40 -4.71 27.33
N ALA C 362 -13.33 -4.48 26.01
CA ALA C 362 -12.39 -3.51 25.46
C ALA C 362 -12.80 -2.08 25.83
N LYS C 363 -11.80 -1.21 25.94
CA LYS C 363 -12.06 0.19 26.23
C LYS C 363 -12.34 1.00 24.97
N ASP C 364 -12.02 0.46 23.80
CA ASP C 364 -12.35 1.13 22.55
C ASP C 364 -13.86 1.29 22.43
N THR C 365 -14.32 2.53 22.39
CA THR C 365 -15.76 2.79 22.40
C THR C 365 -16.40 2.39 21.08
N LYS C 366 -15.70 2.58 19.96
CA LYS C 366 -16.31 2.24 18.67
C LYS C 366 -16.45 0.73 18.49
N ILE C 367 -15.52 -0.07 19.01
CA ILE C 367 -15.69 -1.51 18.84
C ILE C 367 -16.85 -2.02 19.68
N ILE C 368 -17.15 -1.34 20.80
CA ILE C 368 -18.32 -1.73 21.59
C ILE C 368 -19.59 -1.42 20.83
N GLN C 369 -19.67 -0.24 20.21
CA GLN C 369 -20.80 0.09 19.34
C GLN C 369 -20.95 -0.94 18.22
N VAL C 370 -19.82 -1.32 17.61
CA VAL C 370 -19.85 -2.31 16.53
C VAL C 370 -20.44 -3.63 17.02
N ILE C 371 -20.00 -4.09 18.19
CA ILE C 371 -20.42 -5.39 18.68
C ILE C 371 -21.89 -5.37 19.09
N LEU C 372 -22.33 -4.28 19.74
CA LEU C 372 -23.73 -4.20 20.14
C LEU C 372 -24.65 -4.16 18.93
N ASP C 373 -24.21 -3.52 17.85
CA ASP C 373 -24.99 -3.55 16.61
C ASP C 373 -25.09 -4.96 16.05
N ALA C 374 -24.01 -5.74 16.18
CA ALA C 374 -24.04 -7.12 15.73
C ALA C 374 -25.01 -7.95 16.56
N ILE C 375 -24.94 -7.82 17.88
CA ILE C 375 -25.82 -8.58 18.77
C ILE C 375 -27.28 -8.26 18.48
N SER C 376 -27.60 -6.96 18.33
CA SER C 376 -28.97 -6.57 17.99
C SER C 376 -29.43 -7.21 16.70
N ASN C 377 -28.56 -7.21 15.68
CA ASN C 377 -28.91 -7.83 14.40
C ASN C 377 -29.11 -9.33 14.55
N ILE C 378 -28.31 -9.98 15.40
CA ILE C 378 -28.48 -11.41 15.62
C ILE C 378 -29.78 -11.69 16.36
N PHE C 379 -30.13 -10.86 17.34
CA PHE C 379 -31.40 -11.01 18.03
C PHE C 379 -32.57 -10.83 17.07
N GLN C 380 -32.45 -9.88 16.14
CA GLN C 380 -33.48 -9.69 15.13
C GLN C 380 -33.68 -10.95 14.30
N ALA C 381 -32.58 -11.62 13.95
CA ALA C 381 -32.70 -12.91 13.28
C ALA C 381 -33.33 -13.95 14.19
N ALA C 382 -33.12 -13.84 15.50
CA ALA C 382 -33.71 -14.78 16.44
C ALA C 382 -35.20 -14.53 16.61
N GLU C 383 -35.64 -13.28 16.52
CA GLU C 383 -37.06 -12.97 16.67
C GLU C 383 -37.88 -13.59 15.55
N LYS C 384 -37.37 -13.55 14.31
CA LYS C 384 -38.05 -14.15 13.18
C LYS C 384 -38.14 -15.67 13.28
N LEU C 385 -37.52 -16.27 14.29
CA LEU C 385 -37.56 -17.72 14.48
C LEU C 385 -38.17 -18.13 15.81
N GLY C 386 -38.60 -17.17 16.63
CA GLY C 386 -39.10 -17.51 17.96
C GLY C 386 -38.03 -18.06 18.87
N GLU C 387 -36.77 -17.68 18.67
CA GLU C 387 -35.64 -18.22 19.40
C GLU C 387 -34.84 -17.14 20.12
N THR C 388 -35.50 -16.05 20.53
CA THR C 388 -34.78 -14.96 21.17
C THR C 388 -34.22 -15.40 22.52
N GLU C 389 -34.97 -16.20 23.26
CA GLU C 389 -34.56 -16.56 24.62
C GLU C 389 -33.43 -17.57 24.63
N LYS C 390 -33.46 -18.58 23.74
CA LYS C 390 -32.32 -19.50 23.64
C LYS C 390 -31.01 -18.75 23.40
N LEU C 391 -31.08 -17.62 22.70
CA LEU C 391 -29.89 -16.80 22.50
C LEU C 391 -29.58 -15.96 23.74
N SER C 392 -30.60 -15.50 24.46
CA SER C 392 -30.37 -14.73 25.68
C SER C 392 -29.68 -15.57 26.74
N ILE C 393 -30.10 -16.83 26.89
CA ILE C 393 -29.44 -17.72 27.83
C ILE C 393 -28.01 -18.00 27.39
N MET C 394 -27.78 -18.12 26.09
CA MET C 394 -26.42 -18.30 25.57
C MET C 394 -25.54 -17.11 25.93
N ILE C 395 -26.06 -15.88 25.74
CA ILE C 395 -25.31 -14.70 26.10
C ILE C 395 -25.14 -14.62 27.62
N GLU C 396 -26.13 -15.08 28.38
CA GLU C 396 -26.02 -15.04 29.83
C GLU C 396 -25.03 -16.08 30.36
N GLU C 397 -24.98 -17.26 29.73
CA GLU C 397 -24.17 -18.34 30.25
C GLU C 397 -22.67 -18.08 30.09
N CYS C 398 -22.27 -17.23 29.15
CA CYS C 398 -20.87 -16.90 28.93
C CYS C 398 -20.49 -15.55 29.54
N GLY C 399 -21.31 -15.02 30.44
CA GLY C 399 -21.02 -13.74 31.06
C GLY C 399 -21.27 -12.53 30.20
N GLY C 400 -21.90 -12.70 29.04
CA GLY C 400 -22.15 -11.55 28.17
C GLY C 400 -23.19 -10.60 28.76
N LEU C 401 -24.17 -11.15 29.46
CA LEU C 401 -25.20 -10.28 30.06
C LEU C 401 -24.60 -9.34 31.09
N ASP C 402 -23.63 -9.82 31.88
CA ASP C 402 -22.98 -8.95 32.85
C ASP C 402 -22.26 -7.79 32.17
N LYS C 403 -21.74 -8.02 30.95
CA LYS C 403 -21.07 -6.95 30.23
C LYS C 403 -22.08 -5.94 29.68
N ILE C 404 -23.14 -6.43 29.01
CA ILE C 404 -24.16 -5.52 28.49
C ILE C 404 -24.78 -4.72 29.62
N GLU C 405 -25.04 -5.37 30.76
CA GLU C 405 -25.67 -4.67 31.88
C GLU C 405 -24.74 -3.62 32.46
N ALA C 406 -23.44 -3.92 32.53
CA ALA C 406 -22.50 -2.93 33.03
C ALA C 406 -22.37 -1.74 32.09
N LEU C 407 -22.52 -1.97 30.78
CA LEU C 407 -22.30 -0.92 29.79
C LEU C 407 -23.38 0.16 29.81
N GLN C 408 -24.43 -0.01 30.60
CA GLN C 408 -25.39 1.07 30.79
C GLN C 408 -24.78 2.24 31.54
N ARG C 409 -23.64 2.03 32.21
CA ARG C 409 -22.92 3.10 32.87
C ARG C 409 -21.64 3.42 32.11
N HIS C 410 -21.79 3.83 30.85
CA HIS C 410 -20.66 4.15 29.98
C HIS C 410 -20.71 5.62 29.61
N GLU C 411 -19.53 6.23 29.46
CA GLU C 411 -19.47 7.67 29.23
C GLU C 411 -20.01 8.05 27.85
N ASN C 412 -19.91 7.16 26.87
CA ASN C 412 -20.57 7.39 25.60
C ASN C 412 -22.07 7.15 25.75
N GLU C 413 -22.89 7.97 25.07
CA GLU C 413 -24.33 7.94 25.28
C GLU C 413 -25.08 7.12 24.23
N SER C 414 -24.41 6.24 23.51
CA SER C 414 -25.12 5.23 22.74
C SER C 414 -24.58 3.82 22.96
N VAL C 415 -23.44 3.69 23.67
CA VAL C 415 -23.12 2.43 24.33
C VAL C 415 -24.32 2.10 25.20
N TYR C 416 -24.51 2.88 26.27
CA TYR C 416 -25.80 2.91 26.93
C TYR C 416 -26.78 3.69 26.07
N LYS C 417 -27.94 3.07 25.79
CA LYS C 417 -28.99 3.42 24.84
C LYS C 417 -29.09 2.33 23.79
N ALA C 418 -28.05 1.50 23.69
CA ALA C 418 -28.12 0.20 23.04
C ALA C 418 -28.02 -0.95 24.03
N SER C 419 -27.24 -0.76 25.09
CA SER C 419 -27.17 -1.75 26.16
C SER C 419 -28.53 -1.90 26.85
N LEU C 420 -29.09 -0.78 27.34
CA LEU C 420 -30.36 -0.86 28.06
C LEU C 420 -31.50 -1.31 27.17
N ASN C 421 -31.46 -0.98 25.87
CA ASN C 421 -32.48 -1.49 24.96
C ASN C 421 -32.36 -3.00 24.79
N LEU C 422 -31.14 -3.51 24.66
CA LEU C 422 -30.94 -4.95 24.61
C LEU C 422 -31.49 -5.62 25.87
N ILE C 423 -31.24 -5.02 27.04
CA ILE C 423 -31.77 -5.55 28.29
C ILE C 423 -33.28 -5.42 28.32
N GLU C 424 -33.80 -4.26 27.94
CA GLU C 424 -35.25 -4.02 28.00
C GLU C 424 -36.01 -5.00 27.13
N LYS C 425 -35.46 -5.36 25.97
CA LYS C 425 -36.21 -6.15 25.00
C LYS C 425 -35.97 -7.65 25.12
N TYR C 426 -34.79 -8.08 25.58
CA TYR C 426 -34.44 -9.50 25.57
C TYR C 426 -34.02 -10.08 26.91
N PHE C 427 -34.03 -9.32 28.00
CA PHE C 427 -33.47 -9.83 29.24
C PHE C 427 -34.33 -9.43 30.40
N SER C 428 -35.59 -9.16 30.09
CA SER C 428 -36.68 -8.82 31.01
C SER C 428 -36.65 -9.47 32.39
#